data_6UFT
#
_entry.id   6UFT
#
_cell.length_a   153.24
_cell.length_b   53.1899
_cell.length_c   114.41
_cell.angle_alpha   90.0
_cell.angle_beta   92.35
_cell.angle_gamma   90.0
#
_symmetry.space_group_name_H-M   'C 1 2 1'
#
loop_
_entity.id
_entity.type
_entity.pdbx_description
1 polymer 'Botulinum neurotoxin type B'
2 polymer JLK-G12
3 non-polymer 'SULFATE ION'
4 water water
#
loop_
_entity_poly.entity_id
_entity_poly.type
_entity_poly.pdbx_seq_one_letter_code
_entity_poly.pdbx_strand_id
1 'polypeptide(L)'
;GPLGSEILNNIILNLRYKDNNLIDLSGYGAKVEVYDGVELNDKNQFKLTSSANSKIRVTQNQNIIFNSVFLDFSVSFWIR
IPKYKNDGIQNYIHNEYTIINCMKNNSGWKISIRGNRIIWTLIDINGKTKSVFFEYNIREDISEYINRWFFVTITNNLNN
AKIYINGKLESNTDIKDIREVIANGEIIFKLDGDIDRTQFIWMKYFSIFNTELSQSNIEERYKIQSYSEYLKDFWGNPLM
YNKEYYMFNAGNKNSYIKLKKDSPVGEILTRSKYNQNSKYINYRDLYIGEKFIIRRKSNSQSINDDIVRKEDYIYLDFFN
LNQEWRVYTYKYFKKEEEKLFLAPISDSDEFYNTIQIKEYDEQPTYSCQLLFKKDEESTDEIGLIGIHRFYESGIVFEEY
KDYFCISKWYLKEVKRKPYNLKLGCNWQFIPKDEGWTE
;
A
2 'polypeptide(L)'
;MHHHHHHMASMTGGQQMGRGSQVQLVESGGGLVQAGGSLRLSCAASEFRAEHFAVGWFRQAPGKEREGVSCVDASGDSTA
YADSVKGRFTISRDNNKNVVYLQMDSLEPEDTGDYYCGASYFTVCAKSMRKIEYRYWGQGTQVTVSSEPKTPKPQ
;
B
#
# COMPACT_ATOMS: atom_id res chain seq x y z
N ASN A 9 -23.02 11.16 -26.85
CA ASN A 9 -23.80 9.93 -26.73
C ASN A 9 -24.76 10.00 -25.53
N ASN A 10 -25.91 10.62 -25.79
CA ASN A 10 -27.01 10.82 -24.84
C ASN A 10 -26.67 11.69 -23.63
N ILE A 11 -25.55 12.40 -23.71
CA ILE A 11 -25.12 13.21 -22.57
C ILE A 11 -25.58 14.66 -22.72
N ILE A 12 -26.27 15.15 -21.70
CA ILE A 12 -26.85 16.49 -21.73
C ILE A 12 -26.17 17.44 -20.75
N LEU A 13 -25.40 16.89 -19.81
CA LEU A 13 -24.54 17.74 -18.98
C LEU A 13 -23.18 17.10 -18.76
N ASN A 14 -22.12 17.84 -19.06
CA ASN A 14 -20.76 17.32 -18.99
C ASN A 14 -19.82 18.27 -18.27
N LEU A 15 -19.93 18.33 -16.95
CA LEU A 15 -19.13 19.24 -16.14
C LEU A 15 -17.68 18.79 -16.05
N ARG A 16 -16.79 19.57 -16.65
CA ARG A 16 -15.36 19.25 -16.66
C ARG A 16 -14.51 20.44 -16.26
N TYR A 17 -13.19 20.26 -16.29
CA TYR A 17 -12.26 21.32 -15.89
C TYR A 17 -11.64 21.99 -17.11
N LYS A 18 -11.54 23.31 -17.07
CA LYS A 18 -10.82 24.07 -18.09
C LYS A 18 -10.45 25.46 -17.57
N ASP A 19 -9.16 25.79 -17.64
CA ASP A 19 -8.64 27.10 -17.26
C ASP A 19 -9.07 27.54 -15.88
N ASN A 20 -8.72 26.77 -14.87
CA ASN A 20 -9.07 27.06 -13.48
C ASN A 20 -10.57 27.35 -13.34
N ASN A 21 -11.38 26.51 -13.97
CA ASN A 21 -12.82 26.69 -13.95
C ASN A 21 -13.53 25.41 -14.34
N LEU A 22 -14.79 25.28 -13.91
CA LEU A 22 -15.64 24.19 -14.36
C LEU A 22 -16.52 24.66 -15.51
N ILE A 23 -16.62 23.83 -16.55
CA ILE A 23 -17.35 24.21 -17.76
C ILE A 23 -18.18 23.03 -18.26
N ASP A 24 -19.33 23.33 -18.87
CA ASP A 24 -20.16 22.30 -19.47
C ASP A 24 -19.68 21.99 -20.88
N LEU A 25 -19.28 20.74 -21.11
CA LEU A 25 -18.76 20.32 -22.40
C LEU A 25 -19.69 19.31 -23.08
N SER A 26 -20.97 19.33 -22.69
CA SER A 26 -21.97 18.48 -23.32
C SER A 26 -22.25 18.92 -24.74
N GLY A 27 -22.09 20.22 -24.99
CA GLY A 27 -22.40 20.78 -26.29
C GLY A 27 -23.71 21.56 -26.30
N TYR A 28 -24.32 21.69 -25.12
CA TYR A 28 -25.54 22.46 -24.98
C TYR A 28 -25.26 23.79 -24.30
N GLY A 29 -23.98 24.01 -23.98
CA GLY A 29 -23.50 25.29 -23.47
C GLY A 29 -24.23 25.90 -22.29
N ALA A 30 -24.50 25.11 -21.27
CA ALA A 30 -25.13 25.62 -20.05
C ALA A 30 -24.15 26.55 -19.31
N LYS A 31 -24.69 27.50 -18.57
CA LYS A 31 -23.85 28.45 -17.84
C LYS A 31 -23.42 27.87 -16.51
N VAL A 32 -22.11 27.95 -16.23
CA VAL A 32 -21.57 27.43 -14.97
C VAL A 32 -20.82 28.49 -14.20
N GLU A 33 -21.26 28.75 -12.97
CA GLU A 33 -20.60 29.72 -12.10
C GLU A 33 -20.01 29.03 -10.90
N VAL A 34 -18.69 29.09 -10.78
CA VAL A 34 -18.00 28.50 -9.64
C VAL A 34 -17.54 29.58 -8.69
N TYR A 35 -18.13 29.59 -7.49
CA TYR A 35 -17.83 30.61 -6.49
C TYR A 35 -16.52 30.31 -5.78
N ASP A 36 -15.97 31.29 -5.07
CA ASP A 36 -14.60 31.25 -4.60
C ASP A 36 -14.31 30.24 -3.49
N GLY A 37 -15.34 29.58 -2.98
CA GLY A 37 -15.17 28.62 -1.92
C GLY A 37 -14.88 27.21 -2.44
N VAL A 38 -15.06 27.01 -3.74
CA VAL A 38 -14.83 25.72 -4.35
C VAL A 38 -13.40 25.59 -4.87
N GLU A 39 -12.68 24.63 -4.30
CA GLU A 39 -11.29 24.40 -4.72
C GLU A 39 -11.24 23.50 -5.95
N LEU A 40 -10.42 23.88 -6.92
CA LEU A 40 -10.27 23.11 -8.15
C LEU A 40 -8.85 22.60 -8.32
N ASN A 41 -8.70 21.51 -9.07
CA ASN A 41 -7.38 21.11 -9.55
C ASN A 41 -7.48 20.53 -10.96
N ASP A 42 -6.34 20.48 -11.66
CA ASP A 42 -6.31 20.03 -13.05
C ASP A 42 -6.66 18.55 -13.20
N LYS A 43 -6.68 17.82 -12.09
CA LYS A 43 -7.09 16.41 -12.10
C LYS A 43 -8.62 16.28 -12.08
N ASN A 44 -9.30 17.35 -12.48
CA ASN A 44 -10.75 17.38 -12.60
C ASN A 44 -11.49 17.16 -11.27
N GLN A 45 -10.77 17.26 -10.17
CA GLN A 45 -11.37 17.13 -8.84
C GLN A 45 -11.77 18.49 -8.30
N PHE A 46 -12.96 18.59 -7.73
CA PHE A 46 -13.36 19.84 -7.07
C PHE A 46 -13.95 19.56 -5.70
N LYS A 47 -13.80 20.52 -4.80
CA LYS A 47 -14.11 20.32 -3.40
C LYS A 47 -15.18 21.28 -2.88
N LEU A 48 -16.24 20.73 -2.32
CA LEU A 48 -17.28 21.50 -1.65
C LEU A 48 -17.01 21.55 -0.15
N THR A 49 -16.92 22.75 0.41
CA THR A 49 -16.67 22.91 1.84
C THR A 49 -17.89 23.51 2.54
N SER A 50 -17.71 23.90 3.80
CA SER A 50 -18.81 24.41 4.61
C SER A 50 -18.90 25.94 4.56
N SER A 51 -17.95 26.57 3.89
CA SER A 51 -17.99 28.02 3.76
C SER A 51 -19.15 28.42 2.85
N ALA A 52 -19.69 29.61 3.06
CA ALA A 52 -20.89 30.05 2.38
C ALA A 52 -20.68 30.20 0.88
N ASN A 53 -19.51 30.70 0.48
CA ASN A 53 -19.22 30.92 -0.92
C ASN A 53 -18.64 29.67 -1.61
N SER A 54 -18.87 28.52 -1.00
CA SER A 54 -18.47 27.25 -1.62
C SER A 54 -19.65 26.62 -2.33
N LYS A 55 -19.89 27.05 -3.57
CA LYS A 55 -20.98 26.49 -4.35
C LYS A 55 -20.73 26.62 -5.85
N ILE A 56 -21.50 25.84 -6.62
CA ILE A 56 -21.45 25.92 -8.08
C ILE A 56 -22.87 26.00 -8.63
N ARG A 57 -23.18 27.06 -9.35
CA ARG A 57 -24.49 27.17 -9.96
C ARG A 57 -24.45 26.80 -11.44
N VAL A 58 -25.27 25.83 -11.81
CA VAL A 58 -25.43 25.49 -13.22
C VAL A 58 -26.80 25.92 -13.69
N THR A 59 -26.81 27.00 -14.46
CA THR A 59 -28.03 27.45 -15.14
C THR A 59 -28.08 26.76 -16.49
N GLN A 60 -28.93 25.74 -16.58
CA GLN A 60 -29.06 24.96 -17.80
C GLN A 60 -29.59 25.83 -18.93
N ASN A 61 -29.01 25.65 -20.12
CA ASN A 61 -29.45 26.37 -21.30
C ASN A 61 -30.89 26.00 -21.63
N GLN A 62 -31.80 26.93 -21.36
CA GLN A 62 -33.21 26.67 -21.53
C GLN A 62 -33.68 26.81 -22.98
N ASN A 63 -32.81 27.30 -23.85
CA ASN A 63 -33.20 27.60 -25.22
C ASN A 63 -32.67 26.64 -26.29
N ILE A 64 -32.58 25.35 -26.00
CA ILE A 64 -32.07 24.42 -27.01
C ILE A 64 -32.84 23.11 -27.16
N ILE A 65 -33.21 22.47 -26.05
CA ILE A 65 -33.96 21.20 -26.14
C ILE A 65 -35.23 21.22 -25.30
N PHE A 66 -35.93 20.09 -25.28
CA PHE A 66 -37.22 19.96 -24.61
C PHE A 66 -37.15 20.47 -23.18
N ASN A 67 -36.18 19.95 -22.43
CA ASN A 67 -35.74 20.53 -21.16
C ASN A 67 -36.85 20.93 -20.19
N SER A 68 -37.75 19.99 -19.90
CA SER A 68 -38.82 20.22 -18.91
C SER A 68 -38.96 19.00 -18.01
N VAL A 69 -39.18 17.85 -18.62
CA VAL A 69 -39.24 16.58 -17.91
C VAL A 69 -38.51 15.52 -18.73
N PHE A 70 -37.76 14.65 -18.06
CA PHE A 70 -37.17 13.49 -18.71
C PHE A 70 -37.71 12.20 -18.08
N LEU A 71 -38.30 11.35 -18.91
CA LEU A 71 -38.79 10.06 -18.45
C LEU A 71 -37.64 9.21 -17.91
N ASP A 72 -36.66 8.97 -18.78
CA ASP A 72 -35.45 8.23 -18.40
C ASP A 72 -34.26 9.16 -18.31
N PHE A 73 -33.56 9.14 -17.19
CA PHE A 73 -32.33 9.93 -17.10
C PHE A 73 -31.36 9.43 -16.03
N SER A 74 -30.07 9.64 -16.28
CA SER A 74 -29.03 9.13 -15.41
C SER A 74 -28.06 10.22 -14.95
N VAL A 75 -27.37 9.93 -13.84
CA VAL A 75 -26.40 10.85 -13.26
C VAL A 75 -25.18 10.09 -12.78
N SER A 76 -24.02 10.33 -13.38
CA SER A 76 -22.80 9.65 -12.95
C SER A 76 -21.79 10.64 -12.39
N PHE A 77 -21.02 10.20 -11.41
CA PHE A 77 -19.95 11.02 -10.82
C PHE A 77 -19.04 10.20 -9.93
N TRP A 78 -17.82 10.69 -9.70
CA TRP A 78 -16.92 10.09 -8.72
C TRP A 78 -16.91 10.94 -7.47
N ILE A 79 -16.93 10.29 -6.31
CA ILE A 79 -16.95 11.03 -5.05
C ILE A 79 -15.91 10.50 -4.06
N ARG A 80 -15.39 11.41 -3.24
CA ARG A 80 -14.52 11.05 -2.12
C ARG A 80 -15.00 11.76 -0.85
N ILE A 81 -15.50 10.96 0.08
CA ILE A 81 -16.16 11.44 1.30
C ILE A 81 -15.32 11.15 2.54
N PRO A 82 -14.95 12.19 3.30
CA PRO A 82 -14.06 12.05 4.45
C PRO A 82 -14.62 11.13 5.54
N LYS A 83 -13.71 10.56 6.32
CA LYS A 83 -14.06 9.69 7.43
C LYS A 83 -14.75 10.49 8.53
N TYR A 84 -15.67 9.83 9.23
CA TYR A 84 -16.30 10.38 10.43
C TYR A 84 -15.26 10.88 11.42
N LYS A 85 -15.63 11.86 12.23
CA LYS A 85 -14.77 12.26 13.34
C LYS A 85 -14.98 11.28 14.49
N ASN A 86 -13.90 10.93 15.18
CA ASN A 86 -13.97 9.96 16.27
C ASN A 86 -14.78 10.47 17.46
N ASP A 87 -14.82 11.79 17.62
CA ASP A 87 -15.54 12.39 18.74
C ASP A 87 -16.84 13.03 18.28
N GLY A 88 -17.12 12.97 16.99
CA GLY A 88 -18.32 13.56 16.42
C GLY A 88 -19.16 12.58 15.63
N ILE A 89 -19.20 11.33 16.10
CA ILE A 89 -19.93 10.26 15.42
C ILE A 89 -21.43 10.52 15.40
N GLN A 90 -21.94 11.14 16.46
N GLN A 90 -21.93 11.14 16.45
CA GLN A 90 -23.37 11.40 16.58
CA GLN A 90 -23.36 11.43 16.59
C GLN A 90 -23.89 12.29 15.44
C GLN A 90 -23.87 12.28 15.44
N ASN A 91 -23.32 13.49 15.31
CA ASN A 91 -23.72 14.40 14.25
C ASN A 91 -23.49 13.82 12.86
N TYR A 92 -22.46 12.98 12.76
CA TYR A 92 -22.17 12.27 11.52
C TYR A 92 -23.34 11.39 11.14
N ILE A 93 -23.78 10.55 12.07
CA ILE A 93 -24.82 9.55 11.81
C ILE A 93 -26.22 10.15 11.71
N HIS A 94 -26.50 11.19 12.49
CA HIS A 94 -27.84 11.76 12.54
C HIS A 94 -28.07 12.86 11.48
N ASN A 95 -27.19 13.85 11.45
CA ASN A 95 -27.39 15.01 10.57
C ASN A 95 -27.18 14.70 9.08
N GLU A 96 -28.21 14.94 8.29
CA GLU A 96 -28.17 14.74 6.84
C GLU A 96 -28.02 16.08 6.12
N TYR A 97 -27.27 16.08 5.03
CA TYR A 97 -27.04 17.32 4.27
C TYR A 97 -27.07 17.09 2.76
N THR A 98 -27.67 18.02 2.04
CA THR A 98 -27.73 17.94 0.58
C THR A 98 -26.42 18.43 -0.04
N ILE A 99 -25.95 17.76 -1.08
CA ILE A 99 -24.74 18.17 -1.77
C ILE A 99 -25.03 18.72 -3.16
N ILE A 100 -26.06 18.18 -3.80
CA ILE A 100 -26.44 18.63 -5.14
C ILE A 100 -27.95 18.75 -5.24
N ASN A 101 -28.43 19.96 -5.51
CA ASN A 101 -29.87 20.20 -5.57
C ASN A 101 -30.33 20.67 -6.93
N CYS A 102 -31.42 20.11 -7.44
CA CYS A 102 -31.94 20.56 -8.73
C CYS A 102 -33.46 20.52 -8.76
N MET A 103 -34.08 21.63 -8.37
CA MET A 103 -35.54 21.69 -8.29
C MET A 103 -36.09 23.01 -8.80
N LYS A 104 -37.36 22.99 -9.19
CA LYS A 104 -38.09 24.19 -9.59
C LYS A 104 -39.56 24.02 -9.22
N ASN A 105 -40.13 25.05 -8.59
CA ASN A 105 -41.50 24.99 -8.08
C ASN A 105 -41.71 23.80 -7.16
N ASN A 106 -40.71 23.54 -6.32
CA ASN A 106 -40.73 22.45 -5.33
C ASN A 106 -40.90 21.06 -5.96
N SER A 107 -40.11 20.79 -6.99
CA SER A 107 -40.09 19.48 -7.63
C SER A 107 -38.78 19.29 -8.38
N GLY A 108 -38.24 18.08 -8.35
CA GLY A 108 -36.98 17.80 -9.00
C GLY A 108 -36.27 16.63 -8.36
N TRP A 109 -34.94 16.68 -8.35
CA TRP A 109 -34.15 15.64 -7.71
C TRP A 109 -33.07 16.23 -6.83
N LYS A 110 -32.59 15.45 -5.86
CA LYS A 110 -31.47 15.89 -5.05
C LYS A 110 -30.62 14.73 -4.55
N ILE A 111 -29.32 14.98 -4.49
CA ILE A 111 -28.37 14.04 -3.90
C ILE A 111 -28.00 14.53 -2.50
N SER A 112 -28.24 13.71 -1.50
CA SER A 112 -27.93 14.05 -0.12
C SER A 112 -27.01 13.01 0.50
N ILE A 113 -26.48 13.31 1.69
CA ILE A 113 -25.62 12.39 2.41
C ILE A 113 -25.94 12.44 3.90
N ARG A 114 -26.20 11.27 4.47
CA ARG A 114 -26.29 11.14 5.92
C ARG A 114 -25.22 10.15 6.38
N GLY A 115 -24.17 10.68 6.99
CA GLY A 115 -23.08 9.87 7.50
C GLY A 115 -22.44 8.97 6.45
N ASN A 116 -22.64 7.66 6.62
CA ASN A 116 -22.05 6.68 5.72
C ASN A 116 -23.05 6.23 4.67
N ARG A 117 -24.01 7.10 4.36
CA ARG A 117 -25.02 6.78 3.36
C ARG A 117 -25.20 7.92 2.37
N ILE A 118 -25.18 7.59 1.07
CA ILE A 118 -25.47 8.58 0.04
C ILE A 118 -26.86 8.28 -0.54
N ILE A 119 -27.61 9.34 -0.83
CA ILE A 119 -29.04 9.23 -1.08
C ILE A 119 -29.50 9.99 -2.32
N TRP A 120 -30.23 9.29 -3.19
CA TRP A 120 -30.85 9.88 -4.37
C TRP A 120 -32.35 10.05 -4.15
N THR A 121 -32.83 11.28 -4.33
CA THR A 121 -34.22 11.61 -4.03
C THR A 121 -34.97 12.26 -5.20
N LEU A 122 -36.17 11.76 -5.48
CA LEU A 122 -37.05 12.31 -6.51
C LEU A 122 -38.30 12.92 -5.89
N ILE A 123 -38.77 14.01 -6.49
CA ILE A 123 -39.99 14.70 -6.05
C ILE A 123 -40.78 15.19 -7.26
N ASP A 124 -42.02 14.71 -7.42
CA ASP A 124 -42.85 15.13 -8.54
C ASP A 124 -43.63 16.40 -8.23
N ILE A 125 -44.46 16.83 -9.18
CA ILE A 125 -45.20 18.09 -9.07
C ILE A 125 -46.18 18.11 -7.90
N ASN A 126 -46.71 16.95 -7.54
CA ASN A 126 -47.74 16.85 -6.52
C ASN A 126 -47.17 16.78 -5.11
N GLY A 127 -45.85 16.69 -5.01
CA GLY A 127 -45.18 16.68 -3.73
C GLY A 127 -44.74 15.29 -3.29
N LYS A 128 -45.11 14.29 -4.08
CA LYS A 128 -44.78 12.90 -3.75
C LYS A 128 -43.29 12.63 -3.93
N THR A 129 -42.63 12.19 -2.85
CA THR A 129 -41.20 11.94 -2.88
C THR A 129 -40.87 10.46 -2.79
N LYS A 130 -39.72 10.09 -3.36
CA LYS A 130 -39.21 8.73 -3.27
C LYS A 130 -37.68 8.77 -3.16
N SER A 131 -37.09 7.76 -2.54
CA SER A 131 -35.64 7.76 -2.34
C SER A 131 -35.01 6.39 -2.56
N VAL A 132 -33.73 6.39 -2.89
CA VAL A 132 -32.94 5.17 -2.98
C VAL A 132 -31.53 5.51 -2.51
N PHE A 133 -30.89 4.61 -1.75
CA PHE A 133 -29.60 4.95 -1.16
C PHE A 133 -28.56 3.87 -1.29
N PHE A 134 -27.31 4.23 -1.00
CA PHE A 134 -26.23 3.27 -0.84
C PHE A 134 -25.50 3.53 0.48
N GLU A 135 -25.24 2.46 1.21
CA GLU A 135 -24.60 2.58 2.52
C GLU A 135 -23.38 1.67 2.63
N TYR A 136 -22.26 2.24 3.04
CA TYR A 136 -21.05 1.45 3.24
C TYR A 136 -20.79 1.27 4.73
N ASN A 137 -20.28 0.09 5.09
CA ASN A 137 -20.07 -0.28 6.48
C ASN A 137 -18.98 0.54 7.12
N ILE A 138 -19.16 0.88 8.40
CA ILE A 138 -18.15 1.61 9.16
C ILE A 138 -17.67 0.84 10.39
N ARG A 139 -17.75 -0.50 10.29
CA ARG A 139 -17.17 -1.37 11.31
C ARG A 139 -16.03 -2.16 10.68
N GLU A 140 -15.76 -1.86 9.41
CA GLU A 140 -14.76 -2.58 8.62
C GLU A 140 -13.33 -2.37 9.11
N ASP A 141 -12.50 -3.40 8.95
CA ASP A 141 -11.07 -3.29 9.20
C ASP A 141 -10.44 -2.32 8.22
N ILE A 142 -10.59 -2.61 6.93
CA ILE A 142 -10.14 -1.73 5.87
C ILE A 142 -11.29 -1.52 4.89
N SER A 143 -11.90 -0.34 4.94
CA SER A 143 -13.02 -0.01 4.07
C SER A 143 -12.55 0.38 2.67
N GLU A 144 -13.34 0.00 1.67
CA GLU A 144 -13.01 0.32 0.29
C GLU A 144 -13.58 1.65 -0.17
N TYR A 145 -14.41 2.27 0.68
CA TYR A 145 -15.14 3.46 0.27
C TYR A 145 -14.80 4.69 1.12
N ILE A 146 -14.63 4.48 2.43
CA ILE A 146 -14.34 5.58 3.35
C ILE A 146 -13.11 6.37 2.94
N ASN A 147 -13.32 7.65 2.62
CA ASN A 147 -12.27 8.58 2.22
C ASN A 147 -11.57 8.17 0.93
N ARG A 148 -12.18 7.27 0.18
CA ARG A 148 -11.59 6.81 -1.07
C ARG A 148 -12.50 7.13 -2.25
N TRP A 149 -11.90 7.57 -3.34
CA TRP A 149 -12.64 7.83 -4.58
C TRP A 149 -13.41 6.59 -5.00
N PHE A 150 -14.72 6.72 -5.17
CA PHE A 150 -15.46 5.64 -5.83
C PHE A 150 -16.50 6.19 -6.79
N PHE A 151 -17.05 5.29 -7.60
CA PHE A 151 -17.88 5.67 -8.75
C PHE A 151 -19.36 5.46 -8.51
N VAL A 152 -20.11 6.55 -8.45
CA VAL A 152 -21.56 6.50 -8.30
C VAL A 152 -22.26 6.70 -9.64
N THR A 153 -23.27 5.87 -9.90
CA THR A 153 -24.10 6.07 -11.07
C THR A 153 -25.57 5.81 -10.74
N ILE A 154 -26.40 6.81 -10.93
CA ILE A 154 -27.82 6.72 -10.59
C ILE A 154 -28.65 6.67 -11.86
N THR A 155 -29.49 5.64 -11.96
CA THR A 155 -30.25 5.39 -13.19
C THR A 155 -31.75 5.48 -12.95
N ASN A 156 -32.43 6.33 -13.71
CA ASN A 156 -33.87 6.51 -13.54
C ASN A 156 -34.70 6.16 -14.76
N ASN A 157 -35.69 5.31 -14.51
CA ASN A 157 -36.63 4.83 -15.51
C ASN A 157 -38.05 5.13 -15.03
N LEU A 158 -39.06 4.57 -15.71
CA LEU A 158 -40.44 4.72 -15.25
C LEU A 158 -40.72 3.80 -14.07
N ASN A 159 -40.00 2.68 -14.02
CA ASN A 159 -40.23 1.66 -13.00
C ASN A 159 -39.24 1.71 -11.84
N ASN A 160 -37.95 1.83 -12.16
CA ASN A 160 -36.91 1.68 -11.16
C ASN A 160 -35.91 2.84 -11.09
N ALA A 161 -35.57 3.22 -9.87
CA ALA A 161 -34.48 4.16 -9.62
C ALA A 161 -33.32 3.40 -8.98
N LYS A 162 -32.36 3.00 -9.80
CA LYS A 162 -31.28 2.12 -9.34
C LYS A 162 -29.99 2.88 -9.01
N ILE A 163 -29.27 2.40 -8.00
CA ILE A 163 -27.95 2.95 -7.69
C ILE A 163 -26.85 1.92 -7.90
N TYR A 164 -25.93 2.27 -8.80
CA TYR A 164 -24.77 1.45 -9.14
C TYR A 164 -23.50 2.02 -8.53
N ILE A 165 -22.69 1.16 -7.92
CA ILE A 165 -21.40 1.56 -7.39
C ILE A 165 -20.28 0.80 -8.10
N ASN A 166 -19.35 1.55 -8.69
CA ASN A 166 -18.21 0.97 -9.42
C ASN A 166 -18.63 0.00 -10.53
N GLY A 167 -19.73 0.33 -11.21
CA GLY A 167 -20.20 -0.48 -12.32
C GLY A 167 -21.13 -1.60 -11.89
N LYS A 168 -21.30 -1.79 -10.59
CA LYS A 168 -22.14 -2.87 -10.07
C LYS A 168 -23.41 -2.34 -9.41
N LEU A 169 -24.52 -3.02 -9.66
CA LEU A 169 -25.81 -2.65 -9.08
C LEU A 169 -25.81 -2.86 -7.58
N GLU A 170 -26.24 -1.84 -6.84
CA GLU A 170 -26.23 -1.91 -5.39
C GLU A 170 -27.61 -1.68 -4.78
N SER A 171 -28.42 -0.86 -5.44
CA SER A 171 -29.75 -0.59 -4.89
C SER A 171 -30.81 -0.41 -5.97
N ASN A 172 -32.06 -0.67 -5.58
CA ASN A 172 -33.20 -0.58 -6.49
C ASN A 172 -34.44 -0.09 -5.75
N THR A 173 -35.23 0.75 -6.42
CA THR A 173 -36.44 1.31 -5.82
C THR A 173 -37.58 1.36 -6.82
N ASP A 174 -38.75 0.88 -6.41
CA ASP A 174 -39.95 0.92 -7.24
C ASP A 174 -40.57 2.32 -7.21
N ILE A 175 -40.53 2.99 -8.35
CA ILE A 175 -41.06 4.36 -8.45
C ILE A 175 -42.15 4.50 -9.51
N LYS A 176 -43.26 3.81 -9.30
CA LYS A 176 -44.37 3.85 -10.24
C LYS A 176 -45.48 4.78 -9.75
N ASP A 177 -45.45 5.09 -8.46
CA ASP A 177 -46.36 6.09 -7.89
C ASP A 177 -45.86 7.49 -8.21
N ILE A 178 -44.67 7.55 -8.80
CA ILE A 178 -44.04 8.83 -9.15
C ILE A 178 -44.58 9.37 -10.47
N ARG A 179 -44.97 10.64 -10.46
CA ARG A 179 -45.47 11.30 -11.66
C ARG A 179 -44.35 12.02 -12.41
N GLU A 180 -44.69 13.13 -13.05
CA GLU A 180 -43.72 13.93 -13.77
C GLU A 180 -42.85 14.73 -12.81
N VAL A 181 -41.54 14.69 -13.04
CA VAL A 181 -40.58 15.38 -12.20
C VAL A 181 -39.89 16.51 -12.97
N ILE A 182 -40.08 17.74 -12.50
CA ILE A 182 -39.50 18.91 -13.15
C ILE A 182 -37.97 18.88 -13.05
N ALA A 183 -37.31 18.93 -14.21
CA ALA A 183 -35.87 18.67 -14.27
C ALA A 183 -35.02 19.90 -14.59
N ASN A 184 -35.64 20.93 -15.14
CA ASN A 184 -34.89 22.06 -15.69
C ASN A 184 -34.56 23.18 -14.70
N GLY A 185 -34.57 22.88 -13.40
CA GLY A 185 -34.23 23.87 -12.40
C GLY A 185 -32.74 24.15 -12.39
N GLU A 186 -32.32 25.11 -11.57
CA GLU A 186 -30.90 25.37 -11.38
C GLU A 186 -30.24 24.18 -10.70
N ILE A 187 -29.02 23.84 -11.10
CA ILE A 187 -28.30 22.78 -10.40
C ILE A 187 -27.28 23.40 -9.46
N ILE A 188 -27.57 23.32 -8.16
CA ILE A 188 -26.74 23.91 -7.14
C ILE A 188 -25.85 22.86 -6.44
N PHE A 189 -24.55 22.95 -6.69
CA PHE A 189 -23.56 22.13 -6.00
C PHE A 189 -23.14 22.83 -4.71
N LYS A 190 -23.72 22.42 -3.59
CA LYS A 190 -23.43 23.05 -2.30
C LYS A 190 -23.83 22.14 -1.14
N LEU A 191 -23.03 22.12 -0.09
CA LEU A 191 -23.39 21.41 1.12
C LEU A 191 -24.50 22.18 1.83
N ASP A 192 -25.64 21.52 2.02
CA ASP A 192 -26.80 22.17 2.63
C ASP A 192 -27.40 21.33 3.75
N GLY A 193 -27.18 21.76 4.99
CA GLY A 193 -27.69 21.07 6.15
C GLY A 193 -27.00 21.50 7.43
N ASP A 194 -27.34 20.86 8.54
CA ASP A 194 -26.70 21.18 9.82
C ASP A 194 -25.36 20.47 9.93
N ILE A 195 -24.36 20.97 9.21
CA ILE A 195 -23.08 20.30 9.11
C ILE A 195 -22.02 20.87 10.03
N ASP A 196 -20.95 20.11 10.24
CA ASP A 196 -19.80 20.59 11.00
C ASP A 196 -19.01 21.60 10.18
N ARG A 197 -18.26 22.46 10.87
CA ARG A 197 -17.38 23.41 10.21
C ARG A 197 -16.34 22.69 9.36
N THR A 198 -15.97 21.50 9.80
CA THR A 198 -14.88 20.74 9.16
C THR A 198 -15.40 19.78 8.10
N GLN A 199 -16.64 19.97 7.66
CA GLN A 199 -17.25 19.06 6.68
C GLN A 199 -16.91 19.45 5.24
N PHE A 200 -16.56 18.45 4.43
CA PHE A 200 -16.31 18.68 3.01
C PHE A 200 -16.61 17.46 2.15
N ILE A 201 -16.47 17.63 0.83
CA ILE A 201 -16.75 16.57 -0.14
C ILE A 201 -15.89 16.78 -1.39
N TRP A 202 -15.27 15.71 -1.90
CA TRP A 202 -14.58 15.81 -3.19
C TRP A 202 -15.39 15.14 -4.30
N MET A 203 -15.39 15.72 -5.49
CA MET A 203 -16.13 15.16 -6.61
C MET A 203 -15.39 15.34 -7.92
N LYS A 204 -15.64 14.45 -8.88
CA LYS A 204 -15.04 14.60 -10.20
C LYS A 204 -15.90 13.94 -11.27
N TYR A 205 -15.77 14.43 -12.49
CA TYR A 205 -16.44 13.85 -13.65
C TYR A 205 -17.95 13.73 -13.49
N PHE A 206 -18.59 14.84 -13.12
CA PHE A 206 -20.05 14.86 -12.99
C PHE A 206 -20.71 14.94 -14.35
N SER A 207 -21.69 14.07 -14.58
CA SER A 207 -22.35 13.98 -15.87
C SER A 207 -23.83 13.62 -15.73
N ILE A 208 -24.66 14.18 -16.62
CA ILE A 208 -26.07 13.85 -16.68
C ILE A 208 -26.47 13.44 -18.09
N PHE A 209 -27.18 12.30 -18.17
CA PHE A 209 -27.62 11.74 -19.44
C PHE A 209 -29.15 11.71 -19.50
N ASN A 210 -29.70 11.87 -20.71
CA ASN A 210 -31.14 11.81 -20.89
C ASN A 210 -31.58 10.41 -21.29
N THR A 211 -31.08 9.41 -20.57
CA THR A 211 -31.39 8.02 -20.87
C THR A 211 -31.17 7.13 -19.66
N GLU A 212 -31.69 5.91 -19.73
CA GLU A 212 -31.38 4.89 -18.73
C GLU A 212 -30.13 4.12 -19.16
N LEU A 213 -29.05 4.32 -18.41
CA LEU A 213 -27.79 3.67 -18.74
C LEU A 213 -27.82 2.20 -18.40
N SER A 214 -27.50 1.36 -19.37
CA SER A 214 -27.39 -0.07 -19.13
C SER A 214 -26.24 -0.35 -18.18
N GLN A 215 -26.33 -1.46 -17.45
N GLN A 215 -26.33 -1.46 -17.46
CA GLN A 215 -25.29 -1.84 -16.49
CA GLN A 215 -25.30 -1.87 -16.51
C GLN A 215 -23.95 -2.03 -17.21
C GLN A 215 -23.96 -2.04 -17.21
N SER A 216 -24.03 -2.52 -18.45
CA SER A 216 -22.84 -2.71 -19.27
C SER A 216 -22.17 -1.37 -19.56
N ASN A 217 -22.98 -0.40 -19.97
CA ASN A 217 -22.52 0.96 -20.26
C ASN A 217 -21.90 1.61 -19.03
N ILE A 218 -22.49 1.36 -17.87
CA ILE A 218 -22.01 1.91 -16.62
C ILE A 218 -20.68 1.29 -16.20
N GLU A 219 -20.56 -0.03 -16.32
CA GLU A 219 -19.31 -0.71 -15.99
C GLU A 219 -18.21 -0.26 -16.95
N GLU A 220 -18.58 -0.07 -18.21
CA GLU A 220 -17.65 0.40 -19.23
C GLU A 220 -17.14 1.81 -18.90
N ARG A 221 -18.07 2.69 -18.55
CA ARG A 221 -17.71 4.06 -18.20
C ARG A 221 -16.84 4.07 -16.94
N TYR A 222 -17.10 3.11 -16.05
CA TYR A 222 -16.29 2.94 -14.84
C TYR A 222 -14.86 2.60 -15.20
N LYS A 223 -14.70 1.57 -16.04
CA LYS A 223 -13.37 1.16 -16.49
C LYS A 223 -12.63 2.30 -17.19
N ILE A 224 -13.32 3.02 -18.08
CA ILE A 224 -12.71 4.10 -18.84
C ILE A 224 -12.27 5.25 -17.94
N GLN A 225 -13.15 5.68 -17.04
CA GLN A 225 -12.82 6.79 -16.15
C GLN A 225 -11.89 6.35 -15.03
N SER A 226 -11.62 5.05 -14.95
CA SER A 226 -10.63 4.54 -14.01
C SER A 226 -9.24 4.50 -14.62
N TYR A 227 -9.18 4.36 -15.94
CA TYR A 227 -7.90 4.16 -16.63
C TYR A 227 -6.95 5.35 -16.50
N SER A 228 -5.67 5.04 -16.33
CA SER A 228 -4.62 6.04 -16.31
C SER A 228 -3.28 5.40 -16.65
N GLU A 229 -2.33 6.22 -17.09
CA GLU A 229 -0.97 5.74 -17.32
C GLU A 229 -0.22 5.69 -16.00
N TYR A 230 -0.69 6.48 -15.04
CA TYR A 230 -0.05 6.56 -13.73
C TYR A 230 -0.71 5.60 -12.74
N LEU A 231 -0.03 5.35 -11.63
CA LEU A 231 -0.57 4.54 -10.57
C LEU A 231 -1.19 5.45 -9.52
N LYS A 232 -1.92 4.86 -8.57
CA LYS A 232 -2.68 5.65 -7.62
C LYS A 232 -2.38 5.25 -6.19
N ASP A 233 -2.63 6.15 -5.25
CA ASP A 233 -2.39 5.83 -3.86
C ASP A 233 -3.61 5.13 -3.26
N PHE A 234 -3.60 4.96 -1.95
CA PHE A 234 -4.66 4.24 -1.26
C PHE A 234 -6.01 4.91 -1.49
N TRP A 235 -6.01 6.24 -1.50
CA TRP A 235 -7.26 6.98 -1.60
C TRP A 235 -7.77 7.08 -3.03
N GLY A 236 -6.90 6.80 -4.00
CA GLY A 236 -7.29 6.83 -5.39
C GLY A 236 -6.69 8.01 -6.14
N ASN A 237 -6.03 8.90 -5.41
CA ASN A 237 -5.32 10.01 -6.02
C ASN A 237 -4.08 9.50 -6.75
N PRO A 238 -3.59 10.26 -7.74
CA PRO A 238 -2.37 9.86 -8.47
C PRO A 238 -1.18 9.61 -7.55
N LEU A 239 -0.43 8.54 -7.82
CA LEU A 239 0.75 8.21 -7.02
C LEU A 239 1.89 9.18 -7.33
N MET A 240 2.50 9.74 -6.29
CA MET A 240 3.47 10.82 -6.47
C MET A 240 4.89 10.40 -6.12
N TYR A 241 5.86 11.03 -6.77
CA TYR A 241 7.26 10.91 -6.35
C TYR A 241 7.52 11.88 -5.21
N ASN A 242 8.55 11.61 -4.42
CA ASN A 242 8.97 12.49 -3.33
C ASN A 242 7.90 12.72 -2.26
N LYS A 243 6.86 11.89 -2.28
CA LYS A 243 5.76 12.03 -1.33
C LYS A 243 5.82 10.91 -0.29
N GLU A 244 5.67 11.30 0.97
CA GLU A 244 5.74 10.38 2.08
C GLU A 244 4.54 9.43 2.11
N TYR A 245 4.81 8.13 2.18
CA TYR A 245 3.77 7.12 2.10
C TYR A 245 3.90 6.04 3.17
N TYR A 246 2.77 5.66 3.76
CA TYR A 246 2.68 4.44 4.54
C TYR A 246 2.41 3.31 3.55
N MET A 247 2.65 2.06 3.93
CA MET A 247 2.42 0.98 2.98
C MET A 247 1.39 -0.05 3.45
N PHE A 248 0.52 -0.40 2.52
CA PHE A 248 -0.61 -1.29 2.75
C PHE A 248 -0.48 -2.53 1.90
N ASN A 249 -0.84 -3.68 2.45
CA ASN A 249 -0.78 -4.93 1.70
C ASN A 249 -2.16 -5.52 1.51
N ALA A 250 -2.55 -5.74 0.25
CA ALA A 250 -3.86 -6.29 -0.06
C ALA A 250 -3.95 -7.77 0.31
N GLY A 251 -2.79 -8.41 0.39
CA GLY A 251 -2.72 -9.80 0.79
C GLY A 251 -2.91 -9.96 2.28
N ASN A 252 -2.28 -9.06 3.03
CA ASN A 252 -2.42 -9.02 4.48
C ASN A 252 -2.91 -7.66 4.93
N LYS A 253 -4.23 -7.47 4.91
CA LYS A 253 -4.82 -6.16 5.15
C LYS A 253 -4.51 -5.62 6.54
N ASN A 254 -4.48 -6.50 7.54
CA ASN A 254 -4.25 -6.06 8.91
C ASN A 254 -2.78 -6.03 9.30
N SER A 255 -1.91 -6.13 8.30
CA SER A 255 -0.47 -6.20 8.55
C SER A 255 0.25 -4.96 8.04
N TYR A 256 1.23 -4.50 8.80
CA TYR A 256 2.08 -3.39 8.38
C TYR A 256 3.56 -3.73 8.57
N ILE A 257 4.41 -2.93 7.93
CA ILE A 257 5.85 -3.17 7.94
C ILE A 257 6.59 -2.32 8.97
N LYS A 258 7.41 -2.96 9.79
CA LYS A 258 8.26 -2.23 10.72
C LYS A 258 9.70 -2.72 10.63
N LEU A 259 10.65 -1.79 10.63
CA LEU A 259 12.04 -2.16 10.70
C LEU A 259 12.31 -2.83 12.03
N LYS A 260 12.60 -4.14 11.99
CA LYS A 260 12.84 -4.91 13.21
C LYS A 260 14.05 -4.36 13.97
N LYS A 261 13.89 -4.21 15.28
CA LYS A 261 14.89 -3.57 16.12
C LYS A 261 16.25 -4.25 16.03
N ASP A 262 17.29 -3.45 15.85
CA ASP A 262 18.67 -3.92 15.74
C ASP A 262 18.78 -4.98 14.66
N SER A 263 18.29 -4.63 13.47
CA SER A 263 18.31 -5.56 12.34
C SER A 263 18.15 -4.80 11.02
N PRO A 264 18.50 -5.45 9.90
CA PRO A 264 18.30 -4.84 8.59
C PRO A 264 17.07 -5.36 7.86
N VAL A 265 16.18 -6.04 8.57
CA VAL A 265 15.00 -6.61 7.92
C VAL A 265 13.70 -5.99 8.39
N GLY A 266 12.67 -6.14 7.57
CA GLY A 266 11.35 -5.62 7.89
C GLY A 266 10.42 -6.70 8.39
N GLU A 267 10.15 -6.66 9.69
CA GLU A 267 9.17 -7.57 10.26
C GLU A 267 7.76 -7.07 9.96
N ILE A 268 6.81 -8.00 9.97
CA ILE A 268 5.42 -7.70 9.68
C ILE A 268 4.57 -7.80 10.96
N LEU A 269 3.95 -6.70 11.35
CA LEU A 269 3.18 -6.67 12.59
C LEU A 269 1.69 -6.43 12.32
N THR A 270 0.87 -6.58 13.35
CA THR A 270 -0.57 -6.43 13.19
C THR A 270 -1.03 -5.01 13.53
N ARG A 271 -1.85 -4.43 12.68
CA ARG A 271 -2.30 -3.05 12.84
C ARG A 271 -3.10 -2.87 14.12
N SER A 272 -2.79 -1.81 14.85
CA SER A 272 -3.60 -1.42 16.00
C SER A 272 -4.96 -0.97 15.50
N LYS A 273 -6.00 -1.20 16.31
CA LYS A 273 -7.36 -0.87 15.90
C LYS A 273 -7.95 0.26 16.74
N TYR A 274 -9.18 0.65 16.39
CA TYR A 274 -9.91 1.68 17.12
C TYR A 274 -10.13 1.26 18.57
N ASN A 275 -9.57 2.02 19.50
CA ASN A 275 -9.61 1.60 20.91
C ASN A 275 -10.39 2.53 21.83
N GLN A 276 -11.29 3.33 21.26
CA GLN A 276 -12.21 4.12 22.06
C GLN A 276 -13.48 3.29 22.26
N ASN A 277 -14.41 3.78 23.07
CA ASN A 277 -15.53 2.94 23.52
C ASN A 277 -16.86 3.22 22.80
N SER A 278 -16.80 3.43 21.49
CA SER A 278 -18.02 3.57 20.69
C SER A 278 -18.29 2.27 19.94
N LYS A 279 -19.55 1.85 19.90
CA LYS A 279 -19.91 0.56 19.33
C LYS A 279 -20.27 0.67 17.86
N TYR A 280 -20.54 1.88 17.40
CA TYR A 280 -21.07 2.08 16.04
C TYR A 280 -19.98 2.17 14.99
N ILE A 281 -18.73 2.36 15.42
CA ILE A 281 -17.61 2.44 14.48
C ILE A 281 -16.46 1.52 14.86
N ASN A 282 -15.68 1.12 13.86
CA ASN A 282 -14.44 0.38 14.07
C ASN A 282 -13.56 0.41 12.83
N TYR A 283 -12.24 0.47 13.04
CA TYR A 283 -11.28 0.51 11.94
C TYR A 283 -9.89 0.11 12.41
N ARG A 284 -9.05 -0.30 11.47
CA ARG A 284 -7.63 -0.52 11.74
C ARG A 284 -6.85 0.76 11.41
N ASP A 285 -5.84 1.07 12.21
CA ASP A 285 -5.03 2.27 12.01
C ASP A 285 -4.23 2.20 10.72
N LEU A 286 -4.18 3.33 10.01
CA LEU A 286 -3.50 3.38 8.71
C LEU A 286 -2.15 4.09 8.81
N TYR A 287 -2.06 5.08 9.69
CA TYR A 287 -0.84 5.87 9.84
C TYR A 287 0.11 5.21 10.82
N ILE A 288 0.51 3.97 10.50
CA ILE A 288 1.44 3.23 11.34
C ILE A 288 2.47 2.53 10.46
N GLY A 289 3.51 2.01 11.10
CA GLY A 289 4.60 1.39 10.38
C GLY A 289 5.58 2.42 9.86
N GLU A 290 6.52 1.99 9.04
CA GLU A 290 7.55 2.88 8.52
C GLU A 290 6.97 3.86 7.51
N LYS A 291 7.59 5.04 7.44
CA LYS A 291 7.22 6.05 6.45
C LYS A 291 8.09 5.86 5.21
N PHE A 292 7.45 5.61 4.07
CA PHE A 292 8.18 5.38 2.83
C PHE A 292 8.16 6.57 1.90
N ILE A 293 9.09 6.59 0.96
CA ILE A 293 9.14 7.63 -0.06
C ILE A 293 9.72 7.05 -1.34
N ILE A 294 9.09 7.36 -2.47
CA ILE A 294 9.50 6.82 -3.76
C ILE A 294 10.38 7.81 -4.50
N ARG A 295 11.51 7.33 -5.01
CA ARG A 295 12.44 8.18 -5.74
C ARG A 295 12.49 7.80 -7.21
N ARG A 296 12.67 8.80 -8.06
CA ARG A 296 12.75 8.57 -9.50
C ARG A 296 14.17 8.15 -9.87
N LYS A 297 14.32 7.44 -10.98
CA LYS A 297 15.64 7.06 -11.47
C LYS A 297 15.83 7.52 -12.91
N SER A 298 16.83 8.37 -13.14
CA SER A 298 17.09 8.91 -14.46
C SER A 298 18.57 8.81 -14.82
N ASP A 306 6.88 14.79 -8.80
CA ASP A 306 6.04 14.56 -9.96
C ASP A 306 5.25 13.26 -9.82
N ILE A 307 4.79 12.72 -10.95
CA ILE A 307 3.84 11.62 -10.94
C ILE A 307 4.48 10.27 -11.32
N VAL A 308 4.20 9.25 -10.52
CA VAL A 308 4.69 7.90 -10.77
C VAL A 308 3.83 7.19 -11.82
N ARG A 309 4.46 6.68 -12.87
CA ARG A 309 3.73 6.00 -13.93
C ARG A 309 4.11 4.53 -14.03
N LYS A 310 3.31 3.77 -14.77
CA LYS A 310 3.54 2.34 -14.92
C LYS A 310 4.84 2.06 -15.66
N GLU A 311 5.52 1.00 -15.23
CA GLU A 311 6.79 0.54 -15.80
C GLU A 311 7.96 1.51 -15.51
N ASP A 312 7.73 2.46 -14.62
CA ASP A 312 8.80 3.35 -14.17
C ASP A 312 9.83 2.59 -13.35
N TYR A 313 11.08 3.02 -13.42
CA TYR A 313 12.12 2.48 -12.54
C TYR A 313 12.30 3.42 -11.36
N ILE A 314 12.24 2.86 -10.15
CA ILE A 314 12.21 3.67 -8.93
C ILE A 314 13.17 3.17 -7.85
N TYR A 315 13.32 3.99 -6.81
CA TYR A 315 13.94 3.55 -5.57
C TYR A 315 12.88 3.57 -4.47
N LEU A 316 12.67 2.43 -3.83
CA LEU A 316 11.77 2.36 -2.68
C LEU A 316 12.55 2.69 -1.41
N ASP A 317 12.40 3.92 -0.96
CA ASP A 317 13.11 4.38 0.22
C ASP A 317 12.15 4.53 1.40
N PHE A 318 12.72 4.74 2.58
CA PHE A 318 11.94 4.95 3.78
C PHE A 318 12.79 5.73 4.78
N PHE A 319 12.18 6.28 5.81
CA PHE A 319 12.93 7.15 6.72
C PHE A 319 13.27 6.45 8.03
N ASN A 320 14.53 6.11 8.19
CA ASN A 320 15.01 5.58 9.45
C ASN A 320 15.69 6.68 10.25
N LEU A 321 15.10 7.00 11.40
CA LEU A 321 15.60 8.06 12.26
C LEU A 321 15.57 9.40 11.54
N ASN A 322 16.75 9.98 11.38
CA ASN A 322 16.91 11.24 10.69
C ASN A 322 17.57 11.05 9.34
N GLN A 323 17.33 9.90 8.72
CA GLN A 323 18.06 9.55 7.51
C GLN A 323 17.21 8.78 6.51
N GLU A 324 17.41 9.04 5.23
CA GLU A 324 16.72 8.30 4.19
C GLU A 324 17.46 7.00 3.87
N TRP A 325 16.77 5.88 4.05
CA TRP A 325 17.31 4.55 3.78
C TRP A 325 16.63 3.92 2.57
N ARG A 326 17.23 2.88 2.03
CA ARG A 326 16.76 2.22 0.83
C ARG A 326 16.45 0.73 1.05
N VAL A 327 15.48 0.24 0.28
CA VAL A 327 15.13 -1.17 0.29
C VAL A 327 15.86 -1.92 -0.83
N TYR A 328 16.66 -2.91 -0.45
CA TYR A 328 17.45 -3.70 -1.39
C TYR A 328 17.04 -5.15 -1.39
N THR A 329 17.53 -5.90 -2.38
CA THR A 329 17.47 -7.35 -2.34
C THR A 329 18.87 -7.92 -2.58
N TYR A 330 19.12 -9.13 -2.07
CA TYR A 330 20.37 -9.81 -2.37
C TYR A 330 20.27 -10.40 -3.77
N LYS A 331 21.34 -10.29 -4.54
CA LYS A 331 21.31 -10.65 -5.95
C LYS A 331 21.10 -12.15 -6.21
N TYR A 332 21.73 -13.00 -5.40
CA TYR A 332 21.79 -14.42 -5.74
C TYR A 332 21.34 -15.36 -4.63
N PHE A 333 20.12 -15.17 -4.13
CA PHE A 333 19.55 -16.09 -3.16
C PHE A 333 19.11 -17.38 -3.86
N LYS A 334 19.16 -18.49 -3.14
CA LYS A 334 18.94 -19.80 -3.75
C LYS A 334 17.54 -20.35 -3.54
N LYS A 335 16.92 -20.00 -2.42
CA LYS A 335 15.54 -20.38 -2.18
C LYS A 335 14.60 -19.57 -3.07
N GLU A 336 13.31 -19.88 -3.04
CA GLU A 336 12.36 -19.20 -3.91
C GLU A 336 12.06 -17.79 -3.43
N GLU A 337 12.39 -17.51 -2.17
CA GLU A 337 12.16 -16.21 -1.59
C GLU A 337 13.25 -15.83 -0.60
N GLU A 338 13.29 -14.55 -0.23
CA GLU A 338 14.31 -14.08 0.70
C GLU A 338 13.87 -12.79 1.38
N LYS A 339 14.34 -12.58 2.61
CA LYS A 339 14.12 -11.32 3.32
C LYS A 339 14.76 -10.17 2.55
N LEU A 340 14.04 -9.05 2.48
CA LEU A 340 14.59 -7.85 1.88
C LEU A 340 15.61 -7.23 2.82
N PHE A 341 16.56 -6.49 2.26
CA PHE A 341 17.63 -5.90 3.05
C PHE A 341 17.49 -4.38 3.11
N LEU A 342 17.17 -3.87 4.30
CA LEU A 342 16.91 -2.44 4.48
C LEU A 342 18.16 -1.75 5.03
N ALA A 343 18.70 -0.81 4.26
CA ALA A 343 20.00 -0.25 4.64
C ALA A 343 20.13 1.23 4.32
N PRO A 344 21.16 1.90 4.86
CA PRO A 344 21.48 3.23 4.35
C PRO A 344 21.76 3.20 2.85
N ILE A 345 21.54 4.32 2.18
CA ILE A 345 21.71 4.38 0.73
C ILE A 345 23.18 4.21 0.36
N SER A 346 23.46 3.36 -0.63
CA SER A 346 24.83 3.05 -1.04
C SER A 346 24.88 2.30 -2.37
N ASP A 347 26.00 2.39 -3.08
CA ASP A 347 26.18 1.57 -4.26
C ASP A 347 26.92 0.29 -3.89
N SER A 348 26.20 -0.80 -3.98
CA SER A 348 26.74 -2.10 -3.63
C SER A 348 26.56 -3.04 -4.79
N ASP A 349 27.63 -3.73 -5.17
CA ASP A 349 27.53 -4.76 -6.19
C ASP A 349 26.93 -6.02 -5.58
N GLU A 350 26.56 -5.92 -4.30
CA GLU A 350 25.94 -7.02 -3.59
C GLU A 350 24.43 -7.00 -3.67
N PHE A 351 23.87 -5.84 -4.04
CA PHE A 351 22.42 -5.69 -4.05
C PHE A 351 21.87 -5.19 -5.38
N TYR A 352 20.64 -5.61 -5.68
CA TYR A 352 19.84 -4.95 -6.69
C TYR A 352 19.05 -3.85 -5.99
N ASN A 353 19.10 -2.63 -6.51
CA ASN A 353 18.47 -1.50 -5.83
C ASN A 353 17.34 -0.85 -6.62
N THR A 354 17.11 -1.32 -7.83
CA THR A 354 16.11 -0.71 -8.70
C THR A 354 14.84 -1.54 -8.87
N ILE A 355 13.72 -0.99 -8.45
CA ILE A 355 12.42 -1.63 -8.65
C ILE A 355 11.71 -1.01 -9.85
N GLN A 356 11.15 -1.86 -10.70
CA GLN A 356 10.22 -1.40 -11.72
C GLN A 356 8.81 -1.54 -11.18
N ILE A 357 8.05 -0.45 -11.20
CA ILE A 357 6.70 -0.47 -10.66
C ILE A 357 5.74 -0.98 -11.73
N LYS A 358 4.83 -1.87 -11.32
CA LYS A 358 4.03 -2.63 -12.28
C LYS A 358 2.54 -2.60 -11.97
N GLU A 359 1.72 -2.77 -13.01
CA GLU A 359 0.30 -2.98 -12.84
C GLU A 359 -0.15 -4.23 -13.60
N TYR A 360 -0.36 -5.32 -12.87
CA TYR A 360 -0.70 -6.60 -13.50
C TYR A 360 -2.21 -6.81 -13.56
N ASP A 361 -2.97 -5.97 -12.87
CA ASP A 361 -4.42 -6.09 -12.83
C ASP A 361 -5.06 -5.48 -14.07
N GLU A 362 -5.98 -6.22 -14.68
CA GLU A 362 -6.69 -5.75 -15.87
C GLU A 362 -7.93 -4.95 -15.48
N GLN A 363 -8.32 -5.06 -14.21
CA GLN A 363 -9.46 -4.33 -13.67
C GLN A 363 -8.99 -3.12 -12.88
N PRO A 364 -9.87 -2.11 -12.71
CA PRO A 364 -9.55 -0.94 -11.88
C PRO A 364 -9.09 -1.32 -10.48
N THR A 365 -7.98 -0.74 -10.03
CA THR A 365 -7.51 -0.95 -8.68
C THR A 365 -6.55 0.15 -8.23
N TYR A 366 -6.39 0.29 -6.92
CA TYR A 366 -5.43 1.23 -6.35
C TYR A 366 -4.18 0.48 -5.92
N SER A 367 -4.07 -0.77 -6.34
CA SER A 367 -2.94 -1.62 -5.99
C SER A 367 -1.88 -1.64 -7.08
N CYS A 368 -0.61 -1.67 -6.66
CA CYS A 368 0.50 -1.78 -7.59
C CYS A 368 1.43 -2.91 -7.16
N GLN A 369 2.29 -3.32 -8.07
CA GLN A 369 3.24 -4.38 -7.77
C GLN A 369 4.66 -3.85 -7.93
N LEU A 370 5.64 -4.52 -7.32
CA LEU A 370 7.00 -4.01 -7.31
C LEU A 370 8.00 -5.06 -7.78
N LEU A 371 8.38 -4.98 -9.05
CA LEU A 371 9.25 -5.96 -9.67
C LEU A 371 10.73 -5.65 -9.48
N PHE A 372 11.52 -6.67 -9.18
CA PHE A 372 12.97 -6.53 -9.14
C PHE A 372 13.58 -7.19 -10.37
N LYS A 373 14.34 -6.41 -11.14
CA LYS A 373 15.01 -6.94 -12.32
C LYS A 373 16.53 -6.75 -12.19
N LYS A 374 17.28 -7.57 -12.93
CA LYS A 374 18.73 -7.45 -12.93
C LYS A 374 19.17 -6.09 -13.49
N ASP A 375 18.86 -5.85 -14.75
CA ASP A 375 19.14 -4.56 -15.38
C ASP A 375 17.88 -4.03 -16.03
N GLU A 376 17.84 -2.72 -16.26
CA GLU A 376 16.74 -2.09 -16.98
C GLU A 376 16.67 -2.64 -18.39
N GLU A 377 17.84 -2.94 -18.95
CA GLU A 377 17.93 -3.48 -20.30
C GLU A 377 17.70 -4.99 -20.31
N SER A 378 18.20 -5.67 -19.29
CA SER A 378 18.11 -7.13 -19.22
C SER A 378 16.67 -7.60 -19.06
N THR A 379 16.46 -8.90 -19.26
CA THR A 379 15.12 -9.46 -19.25
C THR A 379 14.89 -10.40 -18.06
N ASP A 380 15.92 -10.59 -17.25
CA ASP A 380 15.83 -11.50 -16.11
C ASP A 380 15.01 -10.89 -14.99
N GLU A 381 14.02 -11.65 -14.51
CA GLU A 381 13.16 -11.19 -13.42
C GLU A 381 13.54 -11.87 -12.11
N ILE A 382 14.11 -11.09 -11.20
CA ILE A 382 14.60 -11.60 -9.92
C ILE A 382 13.46 -11.97 -8.98
N GLY A 383 12.36 -11.23 -9.05
CA GLY A 383 11.21 -11.51 -8.21
C GLY A 383 10.35 -10.29 -7.92
N LEU A 384 9.25 -10.51 -7.21
CA LEU A 384 8.33 -9.44 -6.83
C LEU A 384 8.30 -9.26 -5.32
N ILE A 385 8.26 -8.02 -4.87
CA ILE A 385 8.20 -7.72 -3.44
C ILE A 385 6.86 -8.14 -2.83
N GLY A 386 6.92 -8.84 -1.70
CA GLY A 386 5.71 -9.29 -1.03
C GLY A 386 5.90 -9.59 0.44
N ILE A 387 5.06 -10.45 0.98
CA ILE A 387 5.17 -10.89 2.36
C ILE A 387 5.18 -12.42 2.44
N HIS A 388 6.10 -12.97 3.22
CA HIS A 388 6.26 -14.41 3.34
C HIS A 388 6.38 -14.81 4.80
N ARG A 389 6.08 -16.06 5.10
CA ARG A 389 6.23 -16.59 6.45
C ARG A 389 7.47 -17.46 6.54
N PHE A 390 8.58 -16.88 7.00
CA PHE A 390 9.85 -17.60 7.09
C PHE A 390 9.95 -18.46 8.33
N TYR A 391 10.78 -19.49 8.26
CA TYR A 391 11.19 -20.22 9.46
C TYR A 391 11.93 -19.26 10.37
N GLU A 392 11.61 -19.29 11.66
CA GLU A 392 12.25 -18.37 12.60
C GLU A 392 13.09 -19.09 13.65
N SER A 393 12.50 -20.06 14.34
CA SER A 393 13.24 -20.76 15.40
C SER A 393 12.65 -22.11 15.78
N GLY A 394 13.23 -22.74 16.80
CA GLY A 394 12.72 -24.00 17.33
C GLY A 394 13.09 -25.22 16.51
N ILE A 395 13.35 -26.33 17.19
CA ILE A 395 13.69 -27.58 16.52
C ILE A 395 12.52 -28.56 16.57
N VAL A 396 12.11 -28.91 17.78
CA VAL A 396 10.99 -29.80 17.99
C VAL A 396 9.67 -29.10 17.65
N PHE A 397 9.57 -27.84 18.06
CA PHE A 397 8.40 -27.02 17.75
C PHE A 397 8.82 -25.80 16.93
N GLU A 398 8.69 -25.92 15.61
CA GLU A 398 9.15 -24.88 14.68
C GLU A 398 8.24 -23.64 14.70
N GLU A 399 8.83 -22.51 15.05
CA GLU A 399 8.11 -21.24 15.06
C GLU A 399 8.49 -20.37 13.87
N TYR A 400 7.48 -19.77 13.26
CA TYR A 400 7.63 -18.98 12.04
C TYR A 400 7.32 -17.51 12.28
N LYS A 401 7.81 -16.65 11.38
CA LYS A 401 7.59 -15.22 11.47
C LYS A 401 7.45 -14.61 10.07
N ASP A 402 6.56 -13.63 9.92
CA ASP A 402 6.35 -12.96 8.64
C ASP A 402 7.31 -11.79 8.44
N TYR A 403 7.99 -11.77 7.30
CA TYR A 403 8.97 -10.73 7.01
C TYR A 403 8.75 -10.06 5.65
N PHE A 404 9.15 -8.80 5.57
CA PHE A 404 9.23 -8.06 4.31
C PHE A 404 10.16 -8.80 3.36
N CYS A 405 9.64 -9.21 2.20
CA CYS A 405 10.37 -10.16 1.37
C CYS A 405 10.31 -9.93 -0.14
N ILE A 406 11.14 -10.67 -0.86
CA ILE A 406 11.02 -10.81 -2.29
C ILE A 406 10.78 -12.29 -2.60
N SER A 407 9.95 -12.57 -3.59
CA SER A 407 9.58 -13.95 -3.92
C SER A 407 9.48 -14.17 -5.43
N LYS A 408 9.97 -15.31 -5.89
CA LYS A 408 9.87 -15.65 -7.30
C LYS A 408 8.54 -16.34 -7.59
N TRP A 409 7.87 -16.79 -6.54
CA TRP A 409 6.59 -17.48 -6.66
C TRP A 409 5.54 -16.57 -7.30
N TYR A 410 5.59 -15.29 -6.94
CA TYR A 410 4.64 -14.30 -7.42
C TYR A 410 4.65 -14.16 -8.94
N LEU A 411 5.85 -14.27 -9.52
CA LEU A 411 6.08 -14.10 -10.95
C LEU A 411 5.11 -14.90 -11.82
N LYS A 412 5.00 -16.18 -11.53
CA LYS A 412 4.10 -17.07 -12.25
C LYS A 412 2.64 -16.76 -11.91
N GLU A 413 2.40 -16.32 -10.68
CA GLU A 413 1.06 -16.11 -10.18
C GLU A 413 0.36 -14.89 -10.79
N VAL A 414 1.11 -13.83 -11.08
CA VAL A 414 0.50 -12.63 -11.64
C VAL A 414 0.11 -12.84 -13.10
N LYS A 415 0.46 -14.00 -13.66
CA LYS A 415 0.09 -14.36 -15.02
C LYS A 415 -1.36 -14.84 -15.10
N ARG A 416 -1.83 -15.46 -14.02
CA ARG A 416 -3.17 -16.05 -13.99
C ARG A 416 -4.27 -15.01 -14.14
N LYS A 417 -5.36 -15.40 -14.78
CA LYS A 417 -6.49 -14.51 -15.00
C LYS A 417 -7.80 -15.18 -14.53
N PRO A 418 -8.66 -14.42 -13.83
CA PRO A 418 -8.51 -13.00 -13.50
C PRO A 418 -7.44 -12.74 -12.43
N TYR A 419 -6.89 -11.53 -12.42
CA TYR A 419 -5.79 -11.22 -11.51
C TYR A 419 -6.21 -11.32 -10.05
N ASN A 420 -5.45 -12.10 -9.30
CA ASN A 420 -5.73 -12.33 -7.89
C ASN A 420 -5.42 -11.10 -7.05
N LEU A 421 -6.47 -10.47 -6.51
CA LEU A 421 -6.32 -9.28 -5.69
C LEU A 421 -5.71 -9.61 -4.35
N LYS A 422 -5.93 -10.83 -3.89
CA LYS A 422 -5.52 -11.25 -2.55
C LYS A 422 -4.02 -11.55 -2.50
N LEU A 423 -3.35 -11.46 -3.65
CA LEU A 423 -1.92 -11.75 -3.73
C LEU A 423 -1.09 -10.81 -2.85
N GLY A 424 -0.18 -11.39 -2.09
CA GLY A 424 0.62 -10.65 -1.12
C GLY A 424 1.66 -9.72 -1.72
N CYS A 425 1.68 -9.63 -3.04
CA CYS A 425 2.60 -8.71 -3.72
C CYS A 425 1.86 -7.46 -4.20
N ASN A 426 0.57 -7.36 -3.85
CA ASN A 426 -0.20 -6.17 -4.18
C ASN A 426 -0.09 -5.11 -3.08
N TRP A 427 0.55 -4.01 -3.40
CA TRP A 427 0.75 -2.95 -2.41
C TRP A 427 -0.04 -1.68 -2.75
N GLN A 428 -0.39 -0.92 -1.71
CA GLN A 428 -1.06 0.36 -1.88
C GLN A 428 -0.42 1.41 -0.98
N PHE A 429 -0.21 2.62 -1.49
CA PHE A 429 0.48 3.63 -0.71
C PHE A 429 -0.48 4.62 -0.06
N ILE A 430 -0.23 4.89 1.23
CA ILE A 430 -1.14 5.70 2.03
C ILE A 430 -0.52 7.00 2.51
N PRO A 431 -0.83 8.12 1.86
CA PRO A 431 -0.44 9.43 2.37
C PRO A 431 -1.41 9.89 3.46
N LYS A 432 -0.96 10.77 4.35
CA LYS A 432 -1.88 11.37 5.32
C LYS A 432 -2.90 12.20 4.57
N ASP A 433 -4.16 12.12 4.99
CA ASP A 433 -5.23 12.85 4.32
C ASP A 433 -6.13 13.51 5.36
N GLU A 434 -6.59 14.73 5.07
CA GLU A 434 -7.48 15.44 5.99
C GLU A 434 -8.79 14.68 6.14
N GLY A 435 -9.13 13.90 5.12
CA GLY A 435 -10.32 13.08 5.13
C GLY A 435 -10.17 11.82 5.96
N TRP A 436 -9.02 11.66 6.60
CA TRP A 436 -8.80 10.53 7.49
C TRP A 436 -8.08 10.93 8.77
N THR A 437 -8.75 10.75 9.91
CA THR A 437 -8.14 11.03 11.21
C THR A 437 -8.21 9.81 12.12
N GLU A 438 -7.19 9.63 12.95
CA GLU A 438 -7.13 8.50 13.87
C GLU A 438 -6.25 8.83 15.06
N GLN B 22 18.25 -19.09 25.94
CA GLN B 22 17.31 -18.91 24.84
C GLN B 22 17.79 -19.60 23.57
N VAL B 23 17.25 -19.15 22.43
CA VAL B 23 17.66 -19.64 21.12
C VAL B 23 19.07 -19.13 20.81
N GLN B 24 20.06 -20.00 20.97
CA GLN B 24 21.42 -19.59 20.84
C GLN B 24 22.24 -20.45 19.87
N LEU B 25 23.53 -20.16 19.80
CA LEU B 25 24.43 -20.90 18.92
C LEU B 25 25.73 -21.24 19.62
N VAL B 26 25.74 -22.32 20.39
CA VAL B 26 26.90 -22.67 21.22
C VAL B 26 28.20 -22.92 20.48
N GLU B 27 29.24 -22.18 20.85
CA GLU B 27 30.56 -22.36 20.26
C GLU B 27 31.47 -23.23 21.12
N SER B 28 32.41 -23.92 20.48
CA SER B 28 33.39 -24.74 21.18
C SER B 28 34.67 -24.91 20.37
N GLY B 29 35.70 -25.47 20.99
CA GLY B 29 37.02 -25.56 20.39
C GLY B 29 37.86 -24.39 20.86
N GLY B 30 39.10 -24.33 20.39
CA GLY B 30 39.96 -23.22 20.72
C GLY B 30 40.57 -23.30 22.11
N GLY B 31 41.57 -22.44 22.34
CA GLY B 31 42.29 -22.40 23.59
C GLY B 31 43.65 -21.77 23.36
N LEU B 32 44.67 -22.26 24.06
CA LEU B 32 46.05 -21.81 23.85
C LEU B 32 46.73 -22.68 22.82
N VAL B 33 47.38 -22.05 21.84
CA VAL B 33 48.12 -22.79 20.81
C VAL B 33 49.28 -21.93 20.31
N GLN B 34 50.42 -22.57 20.05
CA GLN B 34 51.60 -21.83 19.60
C GLN B 34 51.47 -21.40 18.16
N ALA B 35 52.29 -20.44 17.76
CA ALA B 35 52.23 -19.86 16.42
C ALA B 35 52.52 -20.90 15.34
N GLY B 36 51.69 -20.90 14.30
CA GLY B 36 51.87 -21.80 13.17
C GLY B 36 51.03 -23.06 13.27
N GLY B 37 50.50 -23.34 14.45
CA GLY B 37 49.72 -24.54 14.67
C GLY B 37 48.35 -24.48 14.02
N SER B 38 47.49 -25.44 14.37
CA SER B 38 46.13 -25.45 13.84
C SER B 38 45.11 -25.60 14.97
N LEU B 39 43.85 -25.32 14.64
CA LEU B 39 42.78 -25.28 15.62
C LEU B 39 41.45 -25.49 14.91
N ARG B 40 40.44 -25.98 15.61
CA ARG B 40 39.13 -26.16 14.99
C ARG B 40 37.98 -25.66 15.86
N LEU B 41 37.15 -24.79 15.29
CA LEU B 41 36.01 -24.24 16.01
C LEU B 41 34.72 -24.91 15.56
N SER B 42 33.75 -24.97 16.47
CA SER B 42 32.48 -25.63 16.20
C SER B 42 31.29 -24.85 16.72
N CYS B 43 30.31 -24.64 15.84
CA CYS B 43 29.04 -24.02 16.19
C CYS B 43 27.93 -25.06 16.16
N ALA B 44 27.27 -25.26 17.30
CA ALA B 44 26.07 -26.10 17.37
C ALA B 44 24.86 -25.21 17.59
N ALA B 45 23.73 -25.56 16.98
CA ALA B 45 22.52 -24.75 17.06
C ALA B 45 21.66 -25.14 18.25
N SER B 46 21.46 -24.19 19.16
CA SER B 46 20.64 -24.43 20.35
C SER B 46 19.24 -23.83 20.16
N GLU B 47 18.25 -24.72 20.12
CA GLU B 47 16.84 -24.37 20.02
C GLU B 47 16.45 -23.70 18.71
N PHE B 48 17.11 -24.09 17.61
CA PHE B 48 16.68 -23.71 16.27
C PHE B 48 17.43 -24.52 15.21
N ARG B 49 16.82 -24.68 14.04
CA ARG B 49 17.49 -25.34 12.92
C ARG B 49 18.30 -24.30 12.16
N ALA B 50 19.59 -24.54 12.01
CA ALA B 50 20.49 -23.54 11.45
C ALA B 50 20.70 -23.67 9.95
N GLU B 51 20.09 -24.68 9.35
CA GLU B 51 20.24 -24.91 7.91
C GLU B 51 19.46 -23.89 7.10
N HIS B 52 18.51 -23.23 7.75
CA HIS B 52 17.69 -22.21 7.10
C HIS B 52 18.46 -20.91 6.91
N PHE B 53 19.47 -20.70 7.75
CA PHE B 53 20.20 -19.44 7.75
C PHE B 53 21.63 -19.60 7.24
N ALA B 54 22.22 -18.49 6.83
CA ALA B 54 23.66 -18.44 6.61
C ALA B 54 24.32 -18.26 7.96
N VAL B 55 25.58 -18.70 8.07
CA VAL B 55 26.25 -18.68 9.38
C VAL B 55 27.63 -18.06 9.27
N GLY B 56 28.02 -17.24 10.25
CA GLY B 56 29.31 -16.58 10.21
C GLY B 56 30.08 -16.61 11.51
N TRP B 57 31.40 -16.78 11.38
CA TRP B 57 32.34 -16.63 12.48
C TRP B 57 32.96 -15.24 12.47
N PHE B 58 32.97 -14.62 13.65
CA PHE B 58 33.52 -13.29 13.90
C PHE B 58 34.59 -13.39 14.99
N ARG B 59 35.56 -12.49 14.96
CA ARG B 59 36.55 -12.42 16.04
C ARG B 59 36.46 -11.09 16.77
N GLN B 60 36.78 -11.10 18.05
CA GLN B 60 36.74 -9.89 18.87
C GLN B 60 37.94 -9.84 19.81
N ALA B 61 38.83 -8.88 19.54
CA ALA B 61 39.94 -8.58 20.43
C ALA B 61 39.49 -7.53 21.43
N PRO B 62 39.95 -7.62 22.68
CA PRO B 62 39.48 -6.76 23.78
C PRO B 62 39.60 -5.27 23.45
N GLY B 63 38.49 -4.55 23.60
CA GLY B 63 38.44 -3.14 23.27
C GLY B 63 37.91 -2.90 21.87
N LYS B 64 38.47 -3.61 20.89
CA LYS B 64 38.07 -3.45 19.49
C LYS B 64 36.63 -3.85 19.24
N GLU B 65 36.06 -3.29 18.16
CA GLU B 65 34.79 -3.77 17.63
C GLU B 65 35.02 -5.15 17.02
N ARG B 66 33.99 -5.98 16.96
CA ARG B 66 34.17 -7.32 16.42
C ARG B 66 34.00 -7.32 14.90
N GLU B 67 34.93 -7.99 14.23
CA GLU B 67 34.96 -8.03 12.77
C GLU B 67 34.57 -9.41 12.25
N GLY B 68 34.18 -9.48 10.99
CA GLY B 68 33.85 -10.74 10.38
C GLY B 68 35.09 -11.54 10.00
N VAL B 69 35.09 -12.82 10.34
CA VAL B 69 36.19 -13.70 9.99
C VAL B 69 35.85 -14.52 8.74
N SER B 70 34.74 -15.24 8.81
CA SER B 70 34.32 -16.04 7.65
C SER B 70 32.83 -16.34 7.71
N CYS B 71 32.27 -16.84 6.61
CA CYS B 71 30.86 -17.19 6.59
C CYS B 71 30.51 -18.16 5.47
N VAL B 72 29.35 -18.79 5.65
CA VAL B 72 28.90 -19.82 4.75
C VAL B 72 27.40 -19.69 4.47
N ASP B 73 27.05 -20.05 3.24
CA ASP B 73 25.67 -20.10 2.71
C ASP B 73 24.73 -20.95 3.57
N ALA B 74 23.44 -20.91 3.26
CA ALA B 74 22.48 -21.77 3.94
C ALA B 74 22.88 -23.23 3.76
N SER B 75 23.25 -23.59 2.53
CA SER B 75 23.84 -24.88 2.25
C SER B 75 25.35 -24.79 2.44
N GLY B 76 26.10 -25.64 1.72
CA GLY B 76 27.53 -25.50 1.65
C GLY B 76 27.83 -24.65 0.42
N ASP B 77 28.64 -25.20 -0.48
CA ASP B 77 28.82 -24.65 -1.83
C ASP B 77 29.36 -23.20 -1.88
N SER B 78 28.59 -22.25 -1.35
CA SER B 78 29.00 -20.85 -1.37
C SER B 78 29.67 -20.44 -0.07
N THR B 79 30.85 -19.85 -0.18
CA THR B 79 31.66 -19.51 1.00
C THR B 79 32.23 -18.10 0.88
N ALA B 80 32.64 -17.53 2.01
CA ALA B 80 33.32 -16.24 1.99
C ALA B 80 34.27 -16.09 3.16
N TYR B 81 35.44 -15.51 2.91
CA TYR B 81 36.43 -15.28 3.95
C TYR B 81 36.95 -13.85 3.90
N ALA B 82 37.40 -13.34 5.05
CA ALA B 82 38.09 -12.07 5.12
C ALA B 82 39.40 -12.18 4.36
N ASP B 83 39.93 -11.04 3.91
CA ASP B 83 41.14 -11.04 3.10
C ASP B 83 42.39 -11.39 3.91
N SER B 84 42.31 -11.24 5.23
CA SER B 84 43.44 -11.57 6.10
C SER B 84 43.36 -13.02 6.57
N VAL B 85 42.37 -13.75 6.08
CA VAL B 85 42.09 -15.09 6.57
C VAL B 85 42.32 -16.14 5.48
N LYS B 86 42.12 -15.77 4.21
CA LYS B 86 42.46 -16.65 3.10
C LYS B 86 43.97 -16.83 3.00
N GLY B 87 44.42 -18.05 2.75
CA GLY B 87 43.55 -19.22 2.65
C GLY B 87 43.92 -20.19 3.76
N ARG B 88 44.13 -19.66 4.95
CA ARG B 88 44.53 -20.44 6.11
C ARG B 88 43.32 -21.11 6.78
N PHE B 89 42.15 -20.51 6.62
CA PHE B 89 40.94 -21.05 7.26
C PHE B 89 40.03 -21.69 6.21
N THR B 90 39.19 -22.61 6.67
CA THR B 90 38.18 -23.23 5.82
C THR B 90 36.91 -23.51 6.61
N ILE B 91 35.82 -22.86 6.20
CA ILE B 91 34.54 -23.03 6.87
C ILE B 91 33.70 -24.07 6.14
N SER B 92 32.91 -24.84 6.88
CA SER B 92 32.11 -25.90 6.30
C SER B 92 30.83 -26.16 7.10
N ARG B 93 29.92 -26.92 6.52
CA ARG B 93 28.60 -27.10 7.10
C ARG B 93 28.17 -28.56 7.11
N ASP B 94 27.59 -28.99 8.23
CA ASP B 94 26.87 -30.26 8.28
C ASP B 94 25.44 -29.97 8.74
N ASN B 95 24.54 -29.87 7.78
CA ASN B 95 23.15 -29.52 8.06
C ASN B 95 22.37 -30.68 8.65
N ASN B 96 22.88 -31.90 8.43
CA ASN B 96 22.31 -33.09 9.06
C ASN B 96 22.52 -33.07 10.56
N LYS B 97 23.72 -32.67 10.97
CA LYS B 97 24.08 -32.63 12.39
C LYS B 97 23.86 -31.24 12.98
N ASN B 98 23.35 -30.33 12.17
CA ASN B 98 23.02 -28.98 12.64
C ASN B 98 24.25 -28.26 13.19
N VAL B 99 25.39 -28.40 12.52
CA VAL B 99 26.65 -27.88 13.05
C VAL B 99 27.53 -27.23 11.96
N VAL B 100 28.15 -26.11 12.31
CA VAL B 100 29.07 -25.42 11.40
C VAL B 100 30.52 -25.51 11.91
N TYR B 101 31.44 -25.87 11.02
CA TYR B 101 32.84 -26.02 11.42
C TYR B 101 33.72 -24.93 10.83
N LEU B 102 34.74 -24.53 11.59
CA LEU B 102 35.77 -23.65 11.06
C LEU B 102 37.16 -24.22 11.34
N GLN B 103 37.79 -24.75 10.29
CA GLN B 103 39.16 -25.22 10.35
C GLN B 103 40.12 -24.05 10.26
N MET B 104 41.09 -24.01 11.16
CA MET B 104 42.09 -22.96 11.19
C MET B 104 43.49 -23.55 11.06
N ASP B 105 44.23 -23.13 10.06
CA ASP B 105 45.59 -23.61 9.86
C ASP B 105 46.57 -22.44 9.85
N SER B 106 47.84 -22.72 10.14
CA SER B 106 48.90 -21.70 10.12
C SER B 106 48.54 -20.47 10.95
N LEU B 107 48.05 -20.68 12.17
CA LEU B 107 47.59 -19.58 13.01
C LEU B 107 48.70 -18.57 13.31
N GLU B 108 48.34 -17.29 13.24
CA GLU B 108 49.25 -16.21 13.58
C GLU B 108 48.79 -15.58 14.89
N PRO B 109 49.72 -14.95 15.65
CA PRO B 109 49.35 -14.28 16.89
C PRO B 109 48.33 -13.16 16.69
N GLU B 110 48.16 -12.71 15.44
CA GLU B 110 47.19 -11.68 15.11
C GLU B 110 45.79 -12.27 14.94
N ASP B 111 45.64 -13.54 15.28
CA ASP B 111 44.34 -14.21 15.24
C ASP B 111 43.76 -14.41 16.62
N THR B 112 44.49 -13.94 17.63
CA THR B 112 44.06 -14.06 19.02
C THR B 112 42.78 -13.26 19.25
N GLY B 113 41.99 -13.68 20.24
CA GLY B 113 40.74 -13.02 20.56
C GLY B 113 39.61 -14.01 20.79
N ASP B 114 38.46 -13.50 21.22
CA ASP B 114 37.29 -14.35 21.43
C ASP B 114 36.53 -14.53 20.12
N TYR B 115 36.19 -15.77 19.80
CA TYR B 115 35.50 -16.06 18.55
C TYR B 115 34.02 -16.33 18.78
N TYR B 116 33.18 -15.58 18.07
CA TYR B 116 31.73 -15.70 18.20
C TYR B 116 31.12 -16.21 16.91
N CYS B 117 30.06 -17.01 17.04
CA CYS B 117 29.36 -17.53 15.87
C CYS B 117 27.94 -17.00 15.85
N GLY B 118 27.48 -16.56 14.68
CA GLY B 118 26.14 -16.02 14.57
C GLY B 118 25.41 -16.50 13.34
N ALA B 119 24.09 -16.54 13.43
CA ALA B 119 23.25 -16.90 12.29
C ALA B 119 22.65 -15.66 11.64
N SER B 120 22.60 -15.65 10.31
CA SER B 120 22.09 -14.51 9.57
C SER B 120 20.56 -14.56 9.40
N TYR B 121 19.96 -13.41 9.14
CA TYR B 121 18.54 -13.36 8.82
C TYR B 121 18.29 -13.99 7.46
N PHE B 122 19.30 -13.88 6.60
CA PHE B 122 19.18 -14.31 5.21
C PHE B 122 19.82 -15.67 4.98
N THR B 123 19.59 -16.23 3.79
CA THR B 123 20.24 -17.48 3.39
C THR B 123 21.59 -17.16 2.78
N VAL B 124 21.71 -15.94 2.26
CA VAL B 124 22.90 -15.50 1.55
C VAL B 124 24.03 -15.05 2.49
N CYS B 125 25.23 -15.58 2.23
CA CYS B 125 26.45 -15.12 2.89
C CYS B 125 27.13 -14.07 2.02
N ALA B 126 27.69 -13.03 2.66
CA ALA B 126 28.37 -11.98 1.92
C ALA B 126 29.69 -11.62 2.60
N LYS B 127 30.68 -11.29 1.77
CA LYS B 127 32.03 -10.97 2.24
C LYS B 127 32.00 -9.76 3.18
N SER B 128 30.95 -8.96 3.06
CA SER B 128 30.74 -7.81 3.92
C SER B 128 30.81 -8.21 5.39
N MET B 129 30.04 -9.24 5.74
CA MET B 129 29.94 -9.76 7.09
C MET B 129 29.58 -8.67 8.10
N ARG B 130 28.50 -7.95 7.80
CA ARG B 130 28.00 -6.90 8.67
C ARG B 130 27.33 -7.48 9.90
N LYS B 131 27.74 -6.99 11.06
CA LYS B 131 27.23 -7.45 12.34
C LYS B 131 25.69 -7.54 12.42
N ILE B 132 24.99 -6.54 11.90
CA ILE B 132 23.54 -6.46 12.04
C ILE B 132 22.79 -7.58 11.32
N GLU B 133 23.42 -8.16 10.30
CA GLU B 133 22.77 -9.22 9.55
C GLU B 133 22.72 -10.51 10.37
N TYR B 134 23.51 -10.57 11.44
CA TYR B 134 23.65 -11.80 12.20
C TYR B 134 23.09 -11.71 13.62
N ARG B 135 22.52 -12.81 14.08
CA ARG B 135 21.90 -12.89 15.41
C ARG B 135 22.16 -14.25 16.06
N TYR B 136 21.44 -14.52 17.15
CA TYR B 136 21.58 -15.77 17.89
C TYR B 136 23.03 -16.02 18.32
N TRP B 137 23.73 -14.95 18.65
CA TRP B 137 25.14 -15.04 19.04
C TRP B 137 25.29 -15.95 20.25
N GLY B 138 26.38 -16.72 20.27
CA GLY B 138 26.69 -17.56 21.41
C GLY B 138 27.59 -16.81 22.36
N GLN B 139 28.05 -17.51 23.40
CA GLN B 139 28.92 -16.91 24.40
C GLN B 139 30.35 -16.79 23.88
N GLY B 140 30.67 -17.57 22.85
CA GLY B 140 31.95 -17.50 22.20
C GLY B 140 33.04 -18.34 22.84
N THR B 141 34.11 -18.60 22.10
CA THR B 141 35.26 -19.31 22.65
C THR B 141 36.56 -18.56 22.40
N GLN B 142 37.34 -18.38 23.46
CA GLN B 142 38.61 -17.68 23.37
C GLN B 142 39.65 -18.49 22.62
N VAL B 143 40.39 -17.82 21.74
CA VAL B 143 41.61 -18.40 21.21
C VAL B 143 42.77 -17.45 21.47
N THR B 144 43.96 -18.02 21.68
CA THR B 144 45.15 -17.24 21.90
C THR B 144 46.32 -17.90 21.19
N VAL B 145 47.08 -17.12 20.44
CA VAL B 145 48.23 -17.63 19.71
C VAL B 145 49.51 -16.98 20.24
N SER B 146 50.49 -17.81 20.59
CA SER B 146 51.71 -17.31 21.20
C SER B 146 52.93 -17.57 20.31
N SER B 147 53.85 -16.61 20.29
CA SER B 147 55.06 -16.74 19.48
C SER B 147 55.97 -17.82 20.05
N GLU B 148 56.40 -17.64 21.30
CA GLU B 148 57.20 -18.63 22.01
C GLU B 148 56.29 -19.73 22.59
N PRO B 149 56.86 -20.92 22.81
CA PRO B 149 56.06 -22.03 23.36
C PRO B 149 56.87 -23.00 24.21
#